data_1KMY
#
_entry.id   1KMY
#
_cell.length_a   123.3
_cell.length_b   123.3
_cell.length_c   110.9
_cell.angle_alpha   90
_cell.angle_beta   90
_cell.angle_gamma   90
#
_symmetry.space_group_name_H-M   'I 4 2 2'
#
loop_
_entity.id
_entity.type
_entity.pdbx_description
1 polymer '2,3-DIHYDROXYBIPHENYL 1,2-DIOXYGENASE'
2 non-polymer 'FE (II) ION'
3 non-polymer BIPHENYL-2,3-DIOL
4 non-polymer 'TERTIARY-BUTYL ALCOHOL'
5 water water
#
_entity_poly.entity_id   1
_entity_poly.type   'polypeptide(L)'
_entity_poly.pdbx_seq_one_letter_code
;SIRSLGYMGFAVSDVAAWRSFLTQKLGLMEAGTTDNGDLFRIDSRAWRIAVQQGEVDDLAFAGYEVADAAGLAQMADKLK
QAGIAVTTGDASLARRRGVTGLITFADPFGLPLEIYYGASEVFEKPFLPGAAVSGFLTGEQGLGHFVRCVPDSDKALAFY
TDVLGFQLSDVIDMKMGPDVTVPAYFLHCNERHHTLAIAAFPLPKRIHHFMLEVASLDDVGFAFDRVDADGLITSTLGRH
TNDHMVSFYASTPSGVEVEYGWSARTVDRSWVVVRHDSPSMWGHKSVRDKAAARNKA
;
_entity_poly.pdbx_strand_id   A
#
# COMPACT_ATOMS: atom_id res chain seq x y z
N SER A 1 5.95 16.81 6.49
CA SER A 1 5.56 16.36 5.12
C SER A 1 5.76 14.87 5.02
N ILE A 2 4.72 14.17 4.58
CA ILE A 2 4.78 12.72 4.45
C ILE A 2 5.78 12.35 3.38
N ARG A 3 6.70 11.46 3.73
CA ARG A 3 7.71 11.01 2.79
C ARG A 3 7.34 9.71 2.09
N SER A 4 6.60 8.82 2.77
CA SER A 4 6.23 7.54 2.18
C SER A 4 5.30 6.73 3.06
N LEU A 5 4.80 5.64 2.48
CA LEU A 5 3.98 4.68 3.20
C LEU A 5 5.06 3.79 3.84
N GLY A 6 5.05 3.70 5.16
CA GLY A 6 6.05 2.93 5.86
C GLY A 6 5.69 1.53 6.28
N TYR A 7 4.47 1.33 6.78
CA TYR A 7 4.05 0.01 7.21
C TYR A 7 2.55 -0.15 7.14
N MET A 8 2.08 -1.39 7.22
CA MET A 8 0.65 -1.69 7.18
C MET A 8 0.38 -2.84 8.13
N GLY A 9 -0.82 -2.85 8.69
CA GLY A 9 -1.20 -3.92 9.58
C GLY A 9 -2.54 -4.49 9.14
N PHE A 10 -2.66 -5.81 9.13
CA PHE A 10 -3.89 -6.52 8.73
C PHE A 10 -4.48 -7.28 9.94
N ALA A 11 -5.81 -7.28 10.06
CA ALA A 11 -6.53 -7.99 11.13
C ALA A 11 -7.26 -9.07 10.36
N VAL A 12 -6.82 -10.30 10.54
CA VAL A 12 -7.36 -11.42 9.78
C VAL A 12 -7.87 -12.58 10.62
N SER A 13 -8.76 -13.36 10.01
CA SER A 13 -9.35 -14.50 10.68
C SER A 13 -8.43 -15.73 10.69
N ASP A 14 -7.58 -15.87 9.67
CA ASP A 14 -6.66 -17.00 9.60
C ASP A 14 -5.20 -16.54 9.50
N VAL A 15 -4.58 -16.36 10.64
CA VAL A 15 -3.19 -15.91 10.73
C VAL A 15 -2.21 -16.91 10.11
N ALA A 16 -2.48 -18.19 10.29
CA ALA A 16 -1.61 -19.21 9.75
C ALA A 16 -1.61 -19.17 8.22
N ALA A 17 -2.79 -19.00 7.63
CA ALA A 17 -2.90 -18.94 6.17
C ALA A 17 -2.14 -17.73 5.63
N TRP A 18 -2.23 -16.61 6.35
CA TRP A 18 -1.51 -15.41 5.94
C TRP A 18 -0.02 -15.60 6.02
N ARG A 19 0.45 -16.19 7.12
CA ARG A 19 1.88 -16.43 7.33
C ARG A 19 2.46 -17.24 6.17
N SER A 20 1.77 -18.32 5.83
CA SER A 20 2.20 -19.19 4.75
C SER A 20 2.12 -18.48 3.38
N PHE A 21 1.08 -17.69 3.17
CA PHE A 21 0.89 -16.97 1.92
C PHE A 21 2.01 -15.94 1.69
N LEU A 22 2.25 -15.10 2.69
CA LEU A 22 3.25 -14.07 2.59
C LEU A 22 4.66 -14.61 2.40
N THR A 23 5.02 -15.68 3.11
CA THR A 23 6.37 -16.20 3.00
C THR A 23 6.60 -17.15 1.82
N GLN A 24 5.78 -18.18 1.72
CA GLN A 24 5.95 -19.15 0.67
C GLN A 24 5.52 -18.72 -0.72
N LYS A 25 4.48 -17.90 -0.81
CA LYS A 25 4.03 -17.45 -2.13
C LYS A 25 4.70 -16.15 -2.58
N LEU A 26 4.67 -15.15 -1.72
CA LEU A 26 5.22 -13.85 -2.04
C LEU A 26 6.69 -13.65 -1.71
N GLY A 27 7.24 -14.50 -0.84
CA GLY A 27 8.65 -14.40 -0.49
C GLY A 27 9.07 -13.43 0.59
N LEU A 28 8.15 -12.98 1.44
CA LEU A 28 8.51 -12.08 2.51
C LEU A 28 9.25 -12.88 3.57
N MET A 29 9.97 -12.18 4.43
CA MET A 29 10.73 -12.81 5.50
C MET A 29 9.96 -12.72 6.81
N GLU A 30 9.78 -13.87 7.45
CA GLU A 30 9.11 -13.95 8.74
C GLU A 30 10.06 -13.32 9.78
N ALA A 31 9.62 -12.28 10.49
CA ALA A 31 10.44 -11.57 11.48
C ALA A 31 10.03 -11.76 12.94
N GLY A 32 9.31 -12.82 13.24
CA GLY A 32 8.91 -13.06 14.62
C GLY A 32 7.54 -12.56 15.01
N THR A 33 7.16 -12.85 16.25
CA THR A 33 5.85 -12.45 16.75
C THR A 33 6.03 -11.60 17.98
N THR A 34 5.21 -10.57 18.10
CA THR A 34 5.29 -9.68 19.23
C THR A 34 3.87 -9.25 19.54
N ASP A 35 3.73 -8.25 20.43
CA ASP A 35 2.41 -7.73 20.76
C ASP A 35 1.93 -6.84 19.61
N ASN A 36 2.76 -6.73 18.57
CA ASN A 36 2.42 -5.98 17.38
C ASN A 36 1.88 -6.99 16.35
N GLY A 37 1.95 -8.28 16.70
CA GLY A 37 1.47 -9.35 15.83
C GLY A 37 2.60 -10.09 15.15
N ASP A 38 2.28 -10.91 14.15
CA ASP A 38 3.28 -11.65 13.36
C ASP A 38 3.88 -10.58 12.45
N LEU A 39 5.20 -10.48 12.45
CA LEU A 39 5.89 -9.44 11.68
C LEU A 39 6.55 -9.97 10.44
N PHE A 40 6.49 -9.20 9.36
CA PHE A 40 7.12 -9.62 8.10
C PHE A 40 7.99 -8.50 7.54
N ARG A 41 9.13 -8.88 6.98
CA ARG A 41 10.09 -7.94 6.41
C ARG A 41 10.26 -8.11 4.91
N ILE A 42 10.65 -7.02 4.25
CA ILE A 42 10.96 -7.03 2.81
C ILE A 42 12.27 -6.29 2.57
N ASP A 43 12.80 -5.67 3.61
CA ASP A 43 14.05 -4.93 3.50
C ASP A 43 14.74 -4.80 4.87
N SER A 44 15.53 -3.75 5.07
CA SER A 44 16.28 -3.56 6.32
C SER A 44 15.46 -3.18 7.53
N ARG A 45 14.25 -2.67 7.33
CA ARG A 45 13.38 -2.29 8.42
C ARG A 45 13.00 -3.51 9.25
N ALA A 46 12.86 -3.32 10.56
CA ALA A 46 12.49 -4.40 11.48
C ALA A 46 11.18 -5.12 11.05
N TRP A 47 10.25 -4.40 10.42
CA TRP A 47 9.01 -5.00 9.91
C TRP A 47 8.36 -3.98 9.00
N ARG A 48 7.57 -4.47 8.05
CA ARG A 48 6.84 -3.60 7.13
C ARG A 48 5.35 -3.99 7.16
N ILE A 49 5.07 -5.28 7.37
CA ILE A 49 3.71 -5.79 7.43
C ILE A 49 3.49 -6.59 8.72
N ALA A 50 2.40 -6.27 9.41
CA ALA A 50 2.03 -6.94 10.67
C ALA A 50 0.68 -7.64 10.46
N VAL A 51 0.57 -8.87 10.93
CA VAL A 51 -0.65 -9.63 10.79
C VAL A 51 -1.14 -9.95 12.19
N GLN A 52 -2.35 -9.50 12.52
CA GLN A 52 -2.96 -9.70 13.82
C GLN A 52 -4.25 -10.48 13.64
N GLN A 53 -4.68 -11.19 14.68
CA GLN A 53 -5.92 -11.98 14.60
C GLN A 53 -7.05 -10.98 14.70
N GLY A 54 -8.05 -11.12 13.84
CA GLY A 54 -9.14 -10.18 13.87
C GLY A 54 -10.26 -10.64 12.97
N GLU A 55 -11.43 -10.08 13.20
CA GLU A 55 -12.63 -10.43 12.45
C GLU A 55 -12.85 -9.69 11.14
N VAL A 56 -12.34 -8.48 11.01
CA VAL A 56 -12.56 -7.73 9.79
C VAL A 56 -11.96 -8.30 8.50
N ASP A 57 -10.87 -9.06 8.60
CA ASP A 57 -10.20 -9.62 7.42
C ASP A 57 -9.94 -8.47 6.43
N ASP A 58 -9.21 -7.46 6.90
CA ASP A 58 -8.97 -6.29 6.08
C ASP A 58 -7.78 -5.52 6.65
N LEU A 59 -7.44 -4.41 6.01
CA LEU A 59 -6.36 -3.54 6.46
C LEU A 59 -6.83 -2.95 7.78
N ALA A 60 -6.01 -3.04 8.80
CA ALA A 60 -6.36 -2.54 10.12
C ALA A 60 -5.81 -1.13 10.38
N PHE A 61 -4.64 -0.82 9.81
CA PHE A 61 -4.02 0.49 9.97
C PHE A 61 -2.88 0.59 8.99
N ALA A 62 -2.51 1.83 8.65
CA ALA A 62 -1.39 2.08 7.74
C ALA A 62 -0.55 3.19 8.37
N GLY A 63 0.76 3.09 8.27
CA GLY A 63 1.60 4.12 8.85
C GLY A 63 2.37 4.86 7.79
N TYR A 64 2.30 6.19 7.83
CA TYR A 64 3.00 7.06 6.89
C TYR A 64 4.19 7.64 7.62
N GLU A 65 5.32 7.67 6.94
CA GLU A 65 6.57 8.13 7.49
C GLU A 65 6.96 9.56 7.17
N VAL A 66 7.37 10.30 8.21
CA VAL A 66 7.88 11.65 8.03
C VAL A 66 9.39 11.54 8.33
N ALA A 67 10.15 12.56 7.96
CA ALA A 67 11.59 12.49 8.13
C ALA A 67 12.11 12.61 9.55
N ASP A 68 11.43 13.37 10.38
CA ASP A 68 11.90 13.62 11.72
C ASP A 68 10.80 14.17 12.62
N ALA A 69 11.20 14.57 13.83
CA ALA A 69 10.28 15.09 14.83
C ALA A 69 9.64 16.39 14.41
N ALA A 70 10.36 17.22 13.65
CA ALA A 70 9.80 18.49 13.19
C ALA A 70 8.68 18.16 12.20
N GLY A 71 8.93 17.20 11.32
CA GLY A 71 7.93 16.81 10.35
C GLY A 71 6.69 16.27 11.06
N LEU A 72 6.89 15.52 12.13
CA LEU A 72 5.76 14.98 12.87
C LEU A 72 4.95 16.13 13.43
N ALA A 73 5.65 17.12 13.98
CA ALA A 73 5.03 18.30 14.57
C ALA A 73 4.20 19.05 13.53
N GLN A 74 4.77 19.26 12.32
CA GLN A 74 4.05 19.94 11.24
C GLN A 74 2.74 19.24 10.94
N MET A 75 2.82 17.92 10.71
CA MET A 75 1.62 17.14 10.38
C MET A 75 0.55 17.20 11.47
N ALA A 76 0.96 17.09 12.72
CA ALA A 76 0.02 17.16 13.82
C ALA A 76 -0.69 18.51 13.75
N ASP A 77 0.04 19.58 13.48
CA ASP A 77 -0.57 20.91 13.40
C ASP A 77 -1.54 21.02 12.24
N LYS A 78 -1.12 20.53 11.07
CA LYS A 78 -1.94 20.56 9.87
C LYS A 78 -3.27 19.84 10.14
N LEU A 79 -3.22 18.70 10.81
CA LEU A 79 -4.41 17.94 11.11
C LEU A 79 -5.32 18.66 12.11
N LYS A 80 -4.73 19.21 13.16
CA LYS A 80 -5.48 19.94 14.19
C LYS A 80 -6.20 21.13 13.54
N GLN A 81 -5.46 21.90 12.76
CA GLN A 81 -6.01 23.06 12.07
C GLN A 81 -7.14 22.67 11.13
N ALA A 82 -7.16 21.39 10.72
CA ALA A 82 -8.21 20.91 9.82
C ALA A 82 -9.40 20.38 10.62
N GLY A 83 -9.24 20.33 11.94
CA GLY A 83 -10.30 19.83 12.79
C GLY A 83 -10.34 18.31 12.91
N ILE A 84 -9.19 17.66 12.68
CA ILE A 84 -9.15 16.21 12.79
C ILE A 84 -8.73 15.87 14.21
N ALA A 85 -9.35 14.85 14.80
CA ALA A 85 -8.98 14.44 16.15
C ALA A 85 -7.67 13.64 16.06
N VAL A 86 -6.59 14.20 16.61
CA VAL A 86 -5.29 13.52 16.57
C VAL A 86 -4.86 13.15 17.98
N THR A 87 -4.25 11.99 18.12
CA THR A 87 -3.79 11.53 19.42
C THR A 87 -2.30 11.26 19.35
N THR A 88 -1.54 11.81 20.27
CA THR A 88 -0.11 11.56 20.30
C THR A 88 0.05 10.16 20.87
N GLY A 89 0.57 9.25 20.06
CA GLY A 89 0.74 7.88 20.52
C GLY A 89 1.60 7.87 21.76
N ASP A 90 1.24 7.04 22.74
CA ASP A 90 2.02 6.96 23.96
C ASP A 90 3.23 6.07 23.76
N ALA A 91 4.14 6.10 24.74
CA ALA A 91 5.35 5.29 24.67
C ALA A 91 5.05 3.83 24.43
N SER A 92 3.93 3.36 24.95
CA SER A 92 3.57 1.97 24.77
C SER A 92 3.32 1.65 23.30
N LEU A 93 2.57 2.50 22.60
CA LEU A 93 2.28 2.24 21.20
C LEU A 93 3.53 2.39 20.36
N ALA A 94 4.30 3.43 20.64
CA ALA A 94 5.54 3.68 19.92
C ALA A 94 6.48 2.48 20.05
N ARG A 95 6.58 1.90 21.24
CA ARG A 95 7.46 0.76 21.44
C ARG A 95 6.92 -0.44 20.68
N ARG A 96 5.60 -0.61 20.67
CA ARG A 96 4.98 -1.72 19.97
C ARG A 96 5.25 -1.66 18.46
N ARG A 97 5.23 -0.44 17.92
CA ARG A 97 5.47 -0.22 16.49
C ARG A 97 6.95 -0.19 16.16
N GLY A 98 7.78 0.00 17.19
CA GLY A 98 9.22 0.07 17.01
C GLY A 98 9.62 1.41 16.40
N VAL A 99 8.87 2.47 16.73
CA VAL A 99 9.16 3.79 16.18
C VAL A 99 9.52 4.77 17.29
N THR A 100 10.06 5.94 16.93
CA THR A 100 10.46 6.92 17.92
C THR A 100 9.32 7.80 18.41
N GLY A 101 8.46 8.22 17.48
CA GLY A 101 7.32 9.05 17.85
C GLY A 101 6.22 8.85 16.83
N LEU A 102 4.96 8.97 17.24
CA LEU A 102 3.86 8.83 16.29
C LEU A 102 2.59 9.49 16.79
N ILE A 103 1.72 9.82 15.84
CA ILE A 103 0.40 10.40 16.13
C ILE A 103 -0.58 9.51 15.40
N THR A 104 -1.77 9.40 15.97
CA THR A 104 -2.81 8.55 15.41
C THR A 104 -4.08 9.36 15.13
N PHE A 105 -4.85 8.89 14.17
CA PHE A 105 -6.11 9.52 13.77
C PHE A 105 -6.77 8.59 12.74
N ALA A 106 -7.85 9.03 12.10
CA ALA A 106 -8.52 8.19 11.13
C ALA A 106 -8.89 8.98 9.91
N ASP A 107 -9.01 8.32 8.75
CA ASP A 107 -9.40 9.04 7.56
C ASP A 107 -10.92 9.31 7.65
N PRO A 108 -11.47 10.17 6.78
CA PRO A 108 -12.91 10.48 6.82
C PRO A 108 -13.88 9.32 6.89
N PHE A 109 -13.44 8.14 6.49
CA PHE A 109 -14.32 6.98 6.50
C PHE A 109 -13.89 5.87 7.45
N GLY A 110 -13.20 6.26 8.52
CA GLY A 110 -12.80 5.31 9.54
C GLY A 110 -11.58 4.43 9.43
N LEU A 111 -10.69 4.67 8.48
CA LEU A 111 -9.50 3.85 8.42
C LEU A 111 -8.49 4.44 9.38
N PRO A 112 -8.01 3.64 10.34
CA PRO A 112 -7.03 4.14 11.31
C PRO A 112 -5.70 4.40 10.59
N LEU A 113 -5.16 5.60 10.77
CA LEU A 113 -3.91 5.99 10.15
C LEU A 113 -2.93 6.42 11.23
N GLU A 114 -1.64 6.28 10.95
CA GLU A 114 -0.59 6.68 11.88
C GLU A 114 0.49 7.39 11.08
N ILE A 115 1.03 8.46 11.64
CA ILE A 115 2.13 9.17 11.00
C ILE A 115 3.22 9.06 12.05
N TYR A 116 4.41 8.62 11.65
CA TYR A 116 5.47 8.41 12.60
C TYR A 116 6.82 8.82 12.03
N TYR A 117 7.83 8.78 12.89
CA TYR A 117 9.21 9.02 12.47
C TYR A 117 10.11 8.13 13.33
N GLY A 118 11.32 7.86 12.82
CA GLY A 118 12.30 7.05 13.53
C GLY A 118 12.01 5.59 13.73
N ALA A 119 11.76 4.88 12.63
CA ALA A 119 11.48 3.45 12.66
C ALA A 119 12.79 2.70 12.90
N SER A 120 12.68 1.43 13.27
CA SER A 120 13.83 0.59 13.55
C SER A 120 14.41 -0.12 12.33
N GLU A 121 15.74 -0.07 12.21
CA GLU A 121 16.46 -0.74 11.14
C GLU A 121 17.10 -1.97 11.77
N VAL A 122 17.29 -3.03 11.00
CA VAL A 122 17.97 -4.24 11.49
C VAL A 122 18.96 -4.78 10.47
N PHE A 123 19.92 -3.94 10.10
CA PHE A 123 20.98 -4.32 9.17
C PHE A 123 21.78 -5.53 9.69
N GLU A 124 21.87 -5.68 11.01
CA GLU A 124 22.59 -6.81 11.62
C GLU A 124 21.87 -8.17 11.45
N LYS A 125 20.63 -8.13 10.96
CA LYS A 125 19.84 -9.35 10.69
C LYS A 125 19.50 -9.23 9.20
N PRO A 126 20.47 -9.53 8.32
CA PRO A 126 20.24 -9.44 6.88
C PRO A 126 18.99 -10.12 6.34
N PHE A 127 18.28 -9.41 5.47
CA PHE A 127 17.05 -9.90 4.86
C PHE A 127 17.30 -11.19 4.07
N LEU A 128 16.49 -12.20 4.35
CA LEU A 128 16.56 -13.48 3.65
C LEU A 128 15.09 -13.81 3.31
N PRO A 129 14.71 -13.75 2.03
CA PRO A 129 13.32 -14.03 1.65
C PRO A 129 12.85 -15.46 1.89
N GLY A 130 11.55 -15.60 2.10
CA GLY A 130 10.95 -16.90 2.33
C GLY A 130 10.80 -17.70 1.06
N ALA A 131 11.03 -17.07 -0.08
CA ALA A 131 10.94 -17.75 -1.37
C ALA A 131 11.98 -17.06 -2.25
N ALA A 132 12.28 -17.63 -3.41
CA ALA A 132 13.29 -17.02 -4.28
C ALA A 132 12.86 -15.68 -4.88
N VAL A 133 13.28 -14.59 -4.25
CA VAL A 133 12.97 -13.24 -4.73
C VAL A 133 14.30 -12.48 -4.69
N SER A 134 14.69 -11.87 -5.80
CA SER A 134 15.95 -11.12 -5.86
C SER A 134 15.96 -9.89 -4.97
N GLY A 135 14.79 -9.30 -4.73
CA GLY A 135 14.71 -8.14 -3.87
C GLY A 135 13.42 -7.37 -4.06
N PHE A 136 13.06 -6.55 -3.08
CA PHE A 136 11.87 -5.71 -3.14
C PHE A 136 12.35 -4.28 -3.30
N LEU A 137 11.60 -3.46 -4.02
CA LEU A 137 11.98 -2.08 -4.21
C LEU A 137 11.27 -1.20 -3.21
N THR A 138 12.03 -0.65 -2.27
CA THR A 138 11.47 0.25 -1.27
C THR A 138 12.27 1.55 -1.28
N GLY A 139 13.18 1.71 -0.34
CA GLY A 139 13.99 2.91 -0.31
C GLY A 139 13.13 4.14 -0.16
N GLU A 140 13.49 5.20 -0.87
CA GLU A 140 12.76 6.45 -0.80
C GLU A 140 11.34 6.35 -1.34
N GLN A 141 11.02 5.23 -1.99
CA GLN A 141 9.67 5.07 -2.52
C GLN A 141 8.73 4.38 -1.51
N GLY A 142 9.30 3.99 -0.37
CA GLY A 142 8.50 3.36 0.66
C GLY A 142 8.04 1.94 0.35
N LEU A 143 7.03 1.50 1.09
CA LEU A 143 6.48 0.15 0.99
C LEU A 143 5.85 -0.27 -0.35
N GLY A 144 5.01 0.59 -0.92
CA GLY A 144 4.33 0.28 -2.16
C GLY A 144 3.08 1.13 -2.20
N HIS A 145 1.95 0.57 -2.58
CA HIS A 145 0.71 1.36 -2.61
C HIS A 145 -0.50 0.51 -2.31
N PHE A 146 -1.63 1.18 -2.06
CA PHE A 146 -2.88 0.45 -1.86
C PHE A 146 -3.99 1.33 -2.37
N VAL A 147 -5.08 0.68 -2.78
CA VAL A 147 -6.25 1.36 -3.30
C VAL A 147 -7.31 1.39 -2.20
N ARG A 148 -7.65 2.60 -1.77
CA ARG A 148 -8.65 2.86 -0.74
C ARG A 148 -10.04 3.01 -1.36
N CYS A 149 -10.95 2.09 -1.02
CA CYS A 149 -12.32 2.16 -1.51
C CYS A 149 -13.10 3.10 -0.58
N VAL A 150 -13.82 4.06 -1.15
CA VAL A 150 -14.57 5.03 -0.37
C VAL A 150 -15.96 5.27 -0.94
N PRO A 151 -16.90 5.74 -0.11
CA PRO A 151 -18.24 5.98 -0.62
C PRO A 151 -18.32 7.33 -1.34
N ASP A 152 -17.39 8.23 -1.03
CA ASP A 152 -17.36 9.55 -1.63
C ASP A 152 -15.91 9.96 -1.94
N SER A 153 -15.56 9.87 -3.23
CA SER A 153 -14.22 10.19 -3.72
C SER A 153 -13.82 11.62 -3.50
N ASP A 154 -14.76 12.53 -3.69
CA ASP A 154 -14.46 13.94 -3.52
C ASP A 154 -14.10 14.29 -2.08
N LYS A 155 -14.82 13.72 -1.14
CA LYS A 155 -14.52 13.99 0.26
C LYS A 155 -13.15 13.38 0.59
N ALA A 156 -12.90 12.17 0.09
N ALA A 156 -12.90 12.17 0.09
CA ALA A 156 -11.64 11.49 0.33
CA ALA A 156 -11.63 11.49 0.33
C ALA A 156 -10.46 12.28 -0.26
C ALA A 156 -10.45 12.21 -0.33
N LEU A 157 -10.65 12.80 -1.46
N LEU A 157 -10.65 12.67 -1.56
CA LEU A 157 -9.62 13.58 -2.14
CA LEU A 157 -9.61 13.36 -2.31
C LEU A 157 -9.22 14.82 -1.36
C LEU A 157 -9.18 14.64 -1.60
N ALA A 158 -10.21 15.60 -0.94
N ALA A 158 -10.16 15.37 -1.05
CA ALA A 158 -9.95 16.81 -0.18
CA ALA A 158 -9.88 16.61 -0.34
C ALA A 158 -9.12 16.51 1.06
C ALA A 158 -9.00 16.35 0.89
N PHE A 159 -9.40 15.39 1.71
CA PHE A 159 -8.65 15.02 2.91
C PHE A 159 -7.21 14.61 2.58
N TYR A 160 -7.05 13.71 1.62
CA TYR A 160 -5.72 13.24 1.28
C TYR A 160 -4.82 14.26 0.62
N THR A 161 -5.39 15.18 -0.16
CA THR A 161 -4.54 16.19 -0.79
C THR A 161 -4.36 17.44 0.06
N ASP A 162 -5.47 18.04 0.48
CA ASP A 162 -5.42 19.26 1.27
C ASP A 162 -4.90 19.07 2.68
N VAL A 163 -5.30 18.00 3.35
CA VAL A 163 -4.80 17.78 4.71
C VAL A 163 -3.50 16.98 4.74
N LEU A 164 -3.47 15.79 4.13
CA LEU A 164 -2.25 14.98 4.17
C LEU A 164 -1.15 15.36 3.19
N GLY A 165 -1.47 16.19 2.20
CA GLY A 165 -0.45 16.63 1.26
C GLY A 165 -0.09 15.78 0.05
N PHE A 166 -0.86 14.73 -0.26
CA PHE A 166 -0.58 13.90 -1.42
C PHE A 166 -0.86 14.73 -2.68
N GLN A 167 -0.18 14.44 -3.78
CA GLN A 167 -0.38 15.18 -5.02
C GLN A 167 -0.95 14.23 -6.06
N LEU A 168 -1.82 14.74 -6.92
CA LEU A 168 -2.41 13.91 -7.97
C LEU A 168 -1.44 13.57 -9.09
N SER A 169 -1.41 12.29 -9.48
CA SER A 169 -0.56 11.84 -10.58
C SER A 169 -1.43 11.86 -11.82
N ASP A 170 -2.51 11.08 -11.77
CA ASP A 170 -3.42 10.98 -12.89
C ASP A 170 -4.75 10.35 -12.48
N VAL A 171 -5.67 10.26 -13.44
CA VAL A 171 -6.99 9.70 -13.21
C VAL A 171 -7.31 8.70 -14.29
N ILE A 172 -7.95 7.61 -13.90
CA ILE A 172 -8.38 6.60 -14.87
C ILE A 172 -9.90 6.46 -14.72
N ASP A 173 -10.64 6.64 -15.81
CA ASP A 173 -12.09 6.47 -15.78
C ASP A 173 -12.40 5.02 -16.04
N MET A 174 -12.66 4.31 -14.96
CA MET A 174 -12.93 2.90 -14.99
C MET A 174 -14.37 2.57 -15.34
N LYS A 175 -14.54 1.92 -16.49
CA LYS A 175 -15.85 1.52 -16.99
C LYS A 175 -16.30 0.24 -16.31
N MET A 176 -17.29 0.36 -15.42
CA MET A 176 -17.82 -0.80 -14.72
C MET A 176 -19.25 -0.95 -15.21
N GLY A 177 -19.41 -1.53 -16.40
CA GLY A 177 -20.73 -1.68 -16.95
C GLY A 177 -21.14 -0.40 -17.69
N PRO A 178 -22.08 -0.50 -18.65
CA PRO A 178 -22.60 0.58 -19.48
C PRO A 178 -23.07 1.86 -18.78
N ASP A 179 -23.77 1.72 -17.66
CA ASP A 179 -24.29 2.87 -16.94
C ASP A 179 -23.40 3.28 -15.76
N VAL A 180 -22.19 2.75 -15.72
CA VAL A 180 -21.28 3.08 -14.62
C VAL A 180 -19.83 3.30 -15.01
N THR A 181 -19.33 4.49 -14.68
CA THR A 181 -17.95 4.84 -14.90
C THR A 181 -17.53 5.47 -13.60
N VAL A 182 -16.48 4.90 -13.04
CA VAL A 182 -15.94 5.34 -11.77
C VAL A 182 -14.52 5.86 -11.93
N PRO A 183 -14.29 7.14 -11.56
CA PRO A 183 -12.92 7.65 -11.70
C PRO A 183 -12.08 7.14 -10.52
N ALA A 184 -10.88 6.69 -10.82
CA ALA A 184 -9.94 6.23 -9.82
C ALA A 184 -8.84 7.32 -9.83
N TYR A 185 -8.50 7.83 -8.65
CA TYR A 185 -7.49 8.89 -8.53
C TYR A 185 -6.19 8.32 -7.97
N PHE A 186 -5.07 8.58 -8.66
CA PHE A 186 -3.75 8.08 -8.23
C PHE A 186 -2.92 9.22 -7.66
N LEU A 187 -2.49 9.06 -6.41
CA LEU A 187 -1.76 10.09 -5.68
C LEU A 187 -0.33 9.67 -5.27
N HIS A 188 0.59 10.63 -5.30
CA HIS A 188 1.97 10.35 -4.93
C HIS A 188 2.41 11.29 -3.84
N CYS A 189 3.41 10.88 -3.08
CA CYS A 189 3.99 11.69 -2.02
C CYS A 189 5.52 11.62 -2.13
N ASN A 190 6.01 10.98 -3.19
CA ASN A 190 7.43 10.84 -3.47
C ASN A 190 7.52 10.39 -4.93
N GLU A 191 8.67 9.84 -5.34
CA GLU A 191 8.87 9.39 -6.73
C GLU A 191 7.97 8.28 -7.22
N ARG A 192 7.54 7.39 -6.32
CA ARG A 192 6.68 6.29 -6.72
C ARG A 192 5.43 6.89 -7.38
N HIS A 193 5.08 6.40 -8.57
CA HIS A 193 3.93 6.94 -9.31
C HIS A 193 2.74 7.18 -8.40
N HIS A 194 2.39 6.18 -7.60
CA HIS A 194 1.33 6.41 -6.64
C HIS A 194 1.56 5.57 -5.41
N THR A 195 1.32 6.18 -4.26
CA THR A 195 1.44 5.49 -2.99
C THR A 195 -0.01 5.20 -2.52
N LEU A 196 -0.96 5.93 -3.09
CA LEU A 196 -2.36 5.78 -2.72
C LEU A 196 -3.24 6.05 -3.92
N ALA A 197 -4.29 5.24 -4.09
CA ALA A 197 -5.27 5.47 -5.16
C ALA A 197 -6.62 5.47 -4.44
N ILE A 198 -7.56 6.28 -4.92
CA ILE A 198 -8.88 6.39 -4.33
C ILE A 198 -9.94 6.13 -5.39
N ALA A 199 -10.93 5.30 -5.07
CA ALA A 199 -12.01 5.00 -6.00
C ALA A 199 -13.28 4.60 -5.22
N ALA A 200 -14.44 4.98 -5.73
CA ALA A 200 -15.69 4.63 -5.07
C ALA A 200 -16.20 3.30 -5.64
N PHE A 201 -15.53 2.20 -5.32
CA PHE A 201 -15.95 0.87 -5.78
C PHE A 201 -16.87 0.24 -4.78
N PRO A 202 -17.82 -0.59 -5.24
CA PRO A 202 -18.75 -1.25 -4.31
C PRO A 202 -18.15 -2.54 -3.76
N LEU A 203 -17.20 -2.40 -2.83
CA LEU A 203 -16.57 -3.57 -2.22
C LEU A 203 -16.78 -3.49 -0.73
N PRO A 204 -16.82 -4.65 -0.06
CA PRO A 204 -17.01 -4.69 1.40
C PRO A 204 -15.74 -4.27 2.15
N LYS A 205 -14.60 -4.24 1.46
CA LYS A 205 -13.34 -3.92 2.11
C LYS A 205 -12.91 -2.47 2.05
N ARG A 206 -11.98 -2.10 2.93
CA ARG A 206 -11.44 -0.76 2.99
C ARG A 206 -10.49 -0.52 1.80
N ILE A 207 -9.87 -1.58 1.30
CA ILE A 207 -8.95 -1.45 0.18
C ILE A 207 -9.23 -2.53 -0.84
N HIS A 208 -8.97 -2.25 -2.11
CA HIS A 208 -9.15 -3.23 -3.14
C HIS A 208 -7.93 -4.15 -3.10
N HIS A 209 -6.74 -3.55 -3.00
CA HIS A 209 -5.49 -4.33 -2.97
C HIS A 209 -4.36 -3.48 -2.46
N PHE A 210 -3.26 -4.17 -2.13
CA PHE A 210 -2.02 -3.51 -1.74
C PHE A 210 -1.03 -4.06 -2.76
N MET A 211 0.04 -3.32 -3.01
CA MET A 211 1.01 -3.72 -4.01
C MET A 211 2.43 -3.75 -3.46
N LEU A 212 3.20 -4.76 -3.86
CA LEU A 212 4.62 -4.88 -3.48
C LEU A 212 5.38 -4.95 -4.82
N GLU A 213 6.48 -4.21 -4.91
CA GLU A 213 7.29 -4.17 -6.11
C GLU A 213 8.61 -4.92 -5.94
N VAL A 214 8.91 -5.80 -6.89
CA VAL A 214 10.14 -6.59 -6.85
C VAL A 214 11.19 -6.08 -7.85
N ALA A 215 12.40 -6.60 -7.74
CA ALA A 215 13.51 -6.15 -8.57
C ALA A 215 13.63 -6.69 -10.00
N SER A 216 13.12 -7.89 -10.28
CA SER A 216 13.22 -8.40 -11.64
C SER A 216 11.96 -9.06 -12.18
N LEU A 217 11.93 -9.23 -13.50
CA LEU A 217 10.79 -9.87 -14.16
C LEU A 217 10.67 -11.31 -13.66
N ASP A 218 11.79 -11.99 -13.47
CA ASP A 218 11.71 -13.37 -12.98
C ASP A 218 11.07 -13.48 -11.62
N ASP A 219 11.27 -12.49 -10.76
CA ASP A 219 10.65 -12.52 -9.43
C ASP A 219 9.14 -12.60 -9.61
N VAL A 220 8.63 -11.81 -10.54
CA VAL A 220 7.19 -11.79 -10.82
C VAL A 220 6.74 -13.12 -11.46
N GLY A 221 7.49 -13.59 -12.45
CA GLY A 221 7.15 -14.82 -13.13
C GLY A 221 7.13 -16.03 -12.23
N PHE A 222 8.15 -16.17 -11.39
CA PHE A 222 8.19 -17.29 -10.47
C PHE A 222 7.05 -17.21 -9.44
N ALA A 223 6.80 -16.01 -8.92
CA ALA A 223 5.73 -15.83 -7.93
C ALA A 223 4.37 -16.16 -8.53
N PHE A 224 4.18 -15.79 -9.79
CA PHE A 224 2.92 -16.07 -10.49
C PHE A 224 2.64 -17.58 -10.48
N ASP A 225 3.63 -18.39 -10.84
CA ASP A 225 3.48 -19.84 -10.84
C ASP A 225 3.18 -20.39 -9.46
N ARG A 226 3.85 -19.89 -8.44
CA ARG A 226 3.64 -20.36 -7.07
C ARG A 226 2.20 -20.12 -6.64
N VAL A 227 1.68 -18.93 -6.95
CA VAL A 227 0.31 -18.53 -6.61
C VAL A 227 -0.71 -19.28 -7.47
N ASP A 228 -0.39 -19.41 -8.75
CA ASP A 228 -1.26 -20.09 -9.70
C ASP A 228 -1.48 -21.55 -9.31
N ALA A 229 -0.46 -22.18 -8.74
CA ALA A 229 -0.58 -23.57 -8.33
C ALA A 229 -1.72 -23.77 -7.33
N ASP A 230 -2.03 -22.75 -6.53
CA ASP A 230 -3.11 -22.86 -5.56
C ASP A 230 -4.39 -22.23 -6.05
N GLY A 231 -4.42 -21.87 -7.34
CA GLY A 231 -5.60 -21.26 -7.94
C GLY A 231 -5.96 -19.88 -7.41
N LEU A 232 -4.97 -19.13 -6.94
CA LEU A 232 -5.23 -17.80 -6.39
C LEU A 232 -5.06 -16.58 -7.30
N ILE A 233 -4.73 -16.79 -8.58
CA ILE A 233 -4.56 -15.68 -9.51
C ILE A 233 -5.91 -15.02 -9.84
N THR A 234 -5.97 -13.69 -9.81
CA THR A 234 -7.21 -12.97 -10.16
C THR A 234 -7.09 -12.21 -11.49
N SER A 235 -5.86 -11.88 -11.89
CA SER A 235 -5.59 -11.18 -13.16
C SER A 235 -4.28 -11.69 -13.72
N THR A 236 -4.28 -11.98 -15.01
CA THR A 236 -3.07 -12.44 -15.66
C THR A 236 -2.03 -11.29 -15.70
N LEU A 237 -0.81 -11.61 -16.12
CA LEU A 237 0.25 -10.61 -16.23
C LEU A 237 -0.18 -9.53 -17.24
N GLY A 238 0.13 -8.28 -16.93
CA GLY A 238 -0.20 -7.18 -17.80
C GLY A 238 0.59 -5.94 -17.41
N ARG A 239 0.45 -4.86 -18.16
CA ARG A 239 1.17 -3.64 -17.82
C ARG A 239 0.18 -2.50 -17.72
N HIS A 240 0.27 -1.70 -16.67
CA HIS A 240 -0.63 -0.56 -16.47
C HIS A 240 -0.30 0.59 -17.40
N THR A 241 -1.33 1.36 -17.74
CA THR A 241 -1.22 2.50 -18.63
C THR A 241 -0.59 3.70 -17.94
N ASN A 242 -0.84 3.85 -16.65
CA ASN A 242 -0.33 5.01 -15.94
C ASN A 242 1.05 4.89 -15.28
N ASP A 243 1.28 3.83 -14.50
CA ASP A 243 2.60 3.67 -13.89
C ASP A 243 3.52 2.73 -14.65
N HIS A 244 3.00 2.13 -15.71
CA HIS A 244 3.77 1.21 -16.55
C HIS A 244 4.34 0.00 -15.81
N MET A 245 3.71 -0.34 -14.70
CA MET A 245 4.13 -1.50 -13.92
C MET A 245 3.64 -2.77 -14.58
N VAL A 246 4.50 -3.79 -14.62
CA VAL A 246 4.15 -5.10 -15.14
C VAL A 246 3.78 -5.86 -13.87
N SER A 247 2.57 -6.42 -13.83
CA SER A 247 2.14 -7.11 -12.61
C SER A 247 1.01 -8.11 -12.81
N PHE A 248 0.72 -8.86 -11.75
CA PHE A 248 -0.41 -9.77 -11.74
C PHE A 248 -1.09 -9.48 -10.40
N TYR A 249 -2.34 -9.95 -10.23
CA TYR A 249 -3.10 -9.75 -8.99
C TYR A 249 -3.48 -11.14 -8.48
N ALA A 250 -3.58 -11.29 -7.16
CA ALA A 250 -3.92 -12.59 -6.59
C ALA A 250 -4.74 -12.34 -5.34
N SER A 251 -5.47 -13.35 -4.90
CA SER A 251 -6.28 -13.21 -3.69
C SER A 251 -5.49 -13.61 -2.44
N THR A 252 -5.60 -12.80 -1.40
CA THR A 252 -4.96 -13.12 -0.12
C THR A 252 -6.03 -13.92 0.65
N PRO A 253 -5.66 -14.53 1.79
CA PRO A 253 -6.68 -15.30 2.54
C PRO A 253 -7.86 -14.46 3.03
N SER A 254 -7.75 -13.13 3.06
CA SER A 254 -8.85 -12.28 3.52
C SER A 254 -9.78 -11.77 2.41
N GLY A 255 -9.54 -12.17 1.17
CA GLY A 255 -10.39 -11.70 0.09
C GLY A 255 -9.79 -10.46 -0.55
N VAL A 256 -9.08 -9.66 0.25
CA VAL A 256 -8.40 -8.46 -0.24
C VAL A 256 -7.37 -8.99 -1.24
N GLU A 257 -7.14 -8.28 -2.33
CA GLU A 257 -6.17 -8.75 -3.32
C GLU A 257 -4.78 -8.14 -3.12
N VAL A 258 -3.78 -8.75 -3.73
CA VAL A 258 -2.43 -8.23 -3.66
C VAL A 258 -1.93 -8.12 -5.09
N GLU A 259 -1.22 -7.05 -5.40
CA GLU A 259 -0.65 -6.84 -6.73
C GLU A 259 0.84 -7.03 -6.55
N TYR A 260 1.47 -7.77 -7.45
CA TYR A 260 2.89 -8.08 -7.36
C TYR A 260 3.48 -7.63 -8.69
N GLY A 261 4.31 -6.58 -8.65
CA GLY A 261 4.82 -6.06 -9.89
C GLY A 261 6.27 -5.67 -10.00
N TRP A 262 6.61 -5.21 -11.19
CA TRP A 262 7.96 -4.85 -11.52
C TRP A 262 8.04 -3.78 -12.61
N SER A 263 9.08 -2.95 -12.53
CA SER A 263 9.39 -1.97 -13.56
C SER A 263 8.50 -0.77 -13.73
N ALA A 264 7.94 -0.27 -12.64
CA ALA A 264 7.09 0.91 -12.73
C ALA A 264 7.93 2.15 -13.06
N ARG A 265 7.33 3.13 -13.70
CA ARG A 265 8.03 4.38 -13.99
C ARG A 265 7.75 5.29 -12.78
N THR A 266 8.62 6.27 -12.58
N THR A 266 8.62 6.26 -12.58
CA THR A 266 8.47 7.19 -11.47
CA THR A 266 8.48 7.19 -11.47
C THR A 266 7.93 8.55 -11.91
C THR A 266 8.08 8.56 -11.99
N VAL A 267 7.63 9.39 -10.93
N VAL A 267 7.57 9.40 -11.10
CA VAL A 267 7.12 10.74 -11.15
CA VAL A 267 7.15 10.74 -11.46
C VAL A 267 8.28 11.69 -10.92
C VAL A 267 8.24 11.72 -11.09
N ASP A 268 8.34 12.76 -11.70
N ASP A 268 8.43 12.75 -11.89
CA ASP A 268 9.41 13.73 -11.55
CA ASP A 268 9.45 13.74 -11.62
C ASP A 268 8.84 15.15 -11.59
C ASP A 268 8.85 15.14 -11.67
N ARG A 269 9.72 16.14 -11.62
CA ARG A 269 9.31 17.54 -11.65
C ARG A 269 8.60 17.94 -12.92
N SER A 270 8.89 17.26 -14.01
CA SER A 270 8.24 17.61 -15.25
C SER A 270 6.84 16.99 -15.40
N TRP A 271 6.45 16.15 -14.44
CA TRP A 271 5.15 15.48 -14.48
C TRP A 271 3.91 16.39 -14.66
N VAL A 272 2.96 15.98 -15.49
CA VAL A 272 1.72 16.74 -15.65
C VAL A 272 0.55 15.75 -15.48
N VAL A 273 -0.55 16.21 -14.91
CA VAL A 273 -1.72 15.35 -14.70
C VAL A 273 -2.35 15.00 -16.05
N VAL A 274 -2.72 13.73 -16.23
CA VAL A 274 -3.36 13.30 -17.46
C VAL A 274 -4.52 12.36 -17.08
N ARG A 275 -5.31 11.95 -18.06
CA ARG A 275 -6.41 11.02 -17.81
C ARG A 275 -6.30 9.84 -18.77
N HIS A 276 -6.84 8.70 -18.36
CA HIS A 276 -6.80 7.50 -19.18
C HIS A 276 -8.20 6.92 -19.14
N ASP A 277 -8.50 6.09 -20.12
CA ASP A 277 -9.79 5.41 -20.20
C ASP A 277 -9.65 3.92 -19.93
N SER A 278 -8.40 3.46 -19.81
CA SER A 278 -8.10 2.06 -19.53
C SER A 278 -6.97 1.99 -18.51
N PRO A 279 -7.03 0.99 -17.61
CA PRO A 279 -5.98 0.84 -16.59
C PRO A 279 -4.83 -0.05 -17.05
N SER A 280 -4.95 -0.65 -18.23
N SER A 280 -4.99 -0.72 -18.18
CA SER A 280 -3.89 -1.54 -18.70
CA SER A 280 -3.95 -1.60 -18.67
C SER A 280 -3.63 -1.43 -20.19
C SER A 280 -3.71 -1.41 -20.15
N MET A 281 -2.36 -1.45 -20.57
N MET A 281 -2.44 -1.41 -20.55
CA MET A 281 -1.95 -1.41 -21.98
CA MET A 281 -2.11 -1.29 -21.97
C MET A 281 -2.24 -2.77 -22.59
C MET A 281 -2.11 -2.68 -22.62
N TRP A 282 -1.73 -3.81 -21.93
N TRP A 282 -1.90 -3.72 -21.82
CA TRP A 282 -1.93 -5.18 -22.35
CA TRP A 282 -1.94 -5.12 -22.29
C TRP A 282 -2.04 -6.09 -21.14
C TRP A 282 -2.05 -6.08 -21.11
N GLY A 283 -2.58 -7.28 -21.36
CA GLY A 283 -2.75 -8.26 -20.30
C GLY A 283 -3.76 -7.89 -19.24
N HIS A 284 -3.53 -8.36 -18.02
CA HIS A 284 -4.43 -8.11 -16.90
C HIS A 284 -5.84 -8.61 -17.18
N LYS A 285 -5.92 -9.77 -17.81
CA LYS A 285 -7.18 -10.41 -18.15
C LYS A 285 -7.72 -10.94 -16.80
N SER A 286 -8.95 -10.57 -16.47
CA SER A 286 -9.55 -11.01 -15.23
C SER A 286 -9.95 -12.47 -15.29
N VAL A 287 -9.54 -13.21 -14.28
CA VAL A 287 -9.89 -14.62 -14.20
C VAL A 287 -10.53 -14.84 -12.85
N ARG A 288 -11.29 -13.84 -12.40
CA ARG A 288 -11.99 -13.90 -11.13
C ARG A 288 -13.33 -14.64 -11.33
#